data_4OND
#
_entry.id   4OND
#
_cell.length_a   48.272
_cell.length_b   79.829
_cell.length_c   116.782
_cell.angle_alpha   90.000
_cell.angle_beta   96.750
_cell.angle_gamma   90.000
#
_symmetry.space_group_name_H-M   'P 1 21 1'
#
loop_
_entity.id
_entity.type
_entity.pdbx_description
1 polymer 'Ancestral SR2 Helix Mutant'
2 polymer "5'-D(*CP*CP*AP*GP*GP*TP*CP*AP*GP*AP*GP*TP*GP*AP*CP*CP*TP*G)-3'"
3 polymer "5'-D(*TP*CP*AP*GP*GP*TP*CP*AP*CP*TP*CP*TP*GP*AP*CP*CP*TP*G)-3'"
4 non-polymer 'ZINC ION'
5 water water
#
loop_
_entity_poly.entity_id
_entity_poly.type
_entity_poly.pdbx_seq_one_letter_code
_entity_poly.pdbx_strand_id
1 'polypeptide(L)'
;SPPQKVCLICGDEASGCHYGVLTCEGCKAFFKRAVEGQHNYLCAGRNDCIIDKIRRKNCPACRLRKCLQAGMTLGARKSK
KL
;
A,B,E,F
2 'polydeoxyribonucleotide' (DC)(DC)(DA)(DG)(DG)(DT)(DC)(DA)(DG)(DA)(DG)(DT)(DG)(DA)(DC)(DC)(DT)(DG) I,K
3 'polydeoxyribonucleotide' (DT)(DC)(DA)(DG)(DG)(DT)(DC)(DA)(DC)(DT)(DC)(DT)(DG)(DA)(DC)(DC)(DT)(DG) J,L
#
loop_
_chem_comp.id
_chem_comp.type
_chem_comp.name
_chem_comp.formula
DA DNA linking 2'-DEOXYADENOSINE-5'-MONOPHOSPHATE 'C10 H14 N5 O6 P'
DC DNA linking 2'-DEOXYCYTIDINE-5'-MONOPHOSPHATE 'C9 H14 N3 O7 P'
DG DNA linking 2'-DEOXYGUANOSINE-5'-MONOPHOSPHATE 'C10 H14 N5 O7 P'
DT DNA linking THYMIDINE-5'-MONOPHOSPHATE 'C10 H15 N2 O8 P'
ZN non-polymer 'ZINC ION' 'Zn 2'
#
# COMPACT_ATOMS: atom_id res chain seq x y z
N GLN A 4 14.05 -12.75 17.72
CA GLN A 4 12.80 -12.34 17.10
C GLN A 4 12.36 -13.34 16.03
N LYS A 5 11.34 -14.14 16.35
CA LYS A 5 10.90 -15.21 15.46
C LYS A 5 9.86 -14.72 14.45
N VAL A 6 9.96 -15.21 13.23
CA VAL A 6 9.19 -14.70 12.10
C VAL A 6 8.27 -15.74 11.47
N CYS A 7 7.02 -15.37 11.24
CA CYS A 7 6.05 -16.22 10.53
C CYS A 7 6.56 -16.57 9.14
N LEU A 8 6.51 -17.86 8.80
CA LEU A 8 7.00 -18.32 7.50
C LEU A 8 5.98 -18.10 6.39
N ILE A 9 4.81 -17.60 6.73
CA ILE A 9 3.79 -17.32 5.73
C ILE A 9 3.65 -15.83 5.41
N CYS A 10 3.54 -14.98 6.43
CA CYS A 10 3.33 -13.55 6.16
C CYS A 10 4.51 -12.68 6.62
N GLY A 11 5.48 -13.28 7.29
CA GLY A 11 6.67 -12.55 7.69
C GLY A 11 6.54 -11.72 8.95
N ASP A 12 5.35 -11.72 9.52
CA ASP A 12 5.10 -10.99 10.76
C ASP A 12 5.68 -11.79 11.93
N GLU A 13 5.82 -11.14 13.08
CA GLU A 13 6.19 -11.82 14.32
C GLU A 13 5.44 -13.13 14.58
N ALA A 14 6.20 -14.19 14.80
CA ALA A 14 5.61 -15.50 15.10
C ALA A 14 5.60 -15.77 16.60
N SER A 15 4.59 -16.47 17.07
CA SER A 15 4.41 -16.75 18.49
C SER A 15 4.80 -18.17 18.86
N GLY A 16 5.31 -18.92 17.89
CA GLY A 16 5.69 -20.31 18.10
C GLY A 16 5.30 -21.16 16.91
N CYS A 17 5.51 -22.47 17.02
CA CYS A 17 5.14 -23.38 15.95
C CYS A 17 3.67 -23.78 16.07
N HIS A 18 2.93 -23.60 14.98
CA HIS A 18 1.53 -23.99 14.96
C HIS A 18 1.28 -24.92 13.79
N TYR A 19 0.67 -26.06 14.07
CA TYR A 19 0.28 -27.02 13.04
C TYR A 19 1.48 -27.46 12.22
N GLY A 20 2.66 -27.46 12.84
CA GLY A 20 3.88 -27.94 12.22
C GLY A 20 4.85 -26.86 11.77
N VAL A 21 4.39 -25.61 11.75
CA VAL A 21 5.16 -24.52 11.15
C VAL A 21 5.16 -23.27 12.04
N LEU A 22 6.31 -22.60 12.08
CA LEU A 22 6.44 -21.35 12.84
C LEU A 22 5.56 -20.27 12.21
N THR A 23 4.49 -19.90 12.90
CA THR A 23 3.48 -18.98 12.34
C THR A 23 3.03 -17.93 13.36
N CYS A 24 2.36 -16.90 12.87
CA CYS A 24 1.75 -15.91 13.76
C CYS A 24 0.36 -16.39 14.19
N GLU A 25 -0.27 -15.64 15.09
CA GLU A 25 -1.61 -15.97 15.56
C GLU A 25 -2.65 -15.88 14.44
N GLY A 26 -2.43 -14.96 13.51
CA GLY A 26 -3.35 -14.78 12.40
C GLY A 26 -3.35 -15.97 11.47
N CYS A 27 -2.17 -16.39 11.03
CA CYS A 27 -2.06 -17.50 10.10
C CYS A 27 -2.42 -18.82 10.77
N LYS A 28 -2.22 -18.90 12.08
CA LYS A 28 -2.68 -20.06 12.85
C LYS A 28 -4.19 -20.23 12.76
N ALA A 29 -4.90 -19.19 13.13
CA ALA A 29 -6.36 -19.22 13.15
C ALA A 29 -6.94 -19.32 11.75
N PHE A 30 -6.30 -18.66 10.78
CA PHE A 30 -6.74 -18.73 9.38
C PHE A 30 -6.69 -20.16 8.83
N PHE A 31 -5.58 -20.86 9.06
CA PHE A 31 -5.41 -22.19 8.51
C PHE A 31 -6.42 -23.16 9.09
N LYS A 32 -6.71 -23.00 10.38
CA LYS A 32 -7.73 -23.81 11.06
C LYS A 32 -9.08 -23.65 10.39
N ARG A 33 -9.49 -22.41 10.17
CA ARG A 33 -10.80 -22.14 9.58
CA ARG A 33 -10.79 -22.11 9.57
C ARG A 33 -10.85 -22.52 8.10
N ALA A 34 -9.74 -22.33 7.40
CA ALA A 34 -9.70 -22.61 5.97
C ALA A 34 -9.86 -24.10 5.69
N VAL A 35 -9.15 -24.93 6.44
CA VAL A 35 -9.16 -26.36 6.21
C VAL A 35 -10.50 -27.01 6.59
N GLU A 36 -11.03 -26.62 7.75
CA GLU A 36 -12.26 -27.24 8.26
C GLU A 36 -13.52 -26.67 7.61
N GLY A 37 -13.47 -25.42 7.18
CA GLY A 37 -14.61 -24.81 6.52
C GLY A 37 -14.77 -25.26 5.08
N GLN A 38 -15.94 -25.03 4.53
CA GLN A 38 -16.17 -25.26 3.11
C GLN A 38 -16.01 -23.94 2.37
N HIS A 39 -14.78 -23.52 2.11
CA HIS A 39 -14.55 -22.24 1.43
C HIS A 39 -14.25 -22.41 -0.05
N ASN A 40 -14.65 -21.43 -0.86
CA ASN A 40 -14.20 -21.37 -2.25
C ASN A 40 -13.38 -20.12 -2.48
N TYR A 41 -12.06 -20.27 -2.39
CA TYR A 41 -11.15 -19.16 -2.61
C TYR A 41 -10.72 -19.13 -4.07
N LEU A 42 -10.68 -17.94 -4.65
CA LEU A 42 -10.20 -17.81 -6.01
C LEU A 42 -9.29 -16.59 -6.10
N CYS A 43 -8.06 -16.80 -6.54
CA CYS A 43 -7.10 -15.71 -6.68
C CYS A 43 -7.54 -14.72 -7.75
N ALA A 44 -7.43 -13.43 -7.45
CA ALA A 44 -7.76 -12.40 -8.42
C ALA A 44 -6.55 -12.05 -9.27
N GLY A 45 -5.41 -12.62 -8.91
CA GLY A 45 -4.16 -12.34 -9.61
C GLY A 45 -3.65 -13.51 -10.42
N ARG A 46 -2.43 -13.96 -10.10
CA ARG A 46 -1.79 -15.03 -10.86
C ARG A 46 -1.29 -16.15 -9.96
N ASN A 47 -1.95 -16.32 -8.82
CA ASN A 47 -1.59 -17.33 -7.82
C ASN A 47 -0.15 -17.20 -7.33
N ASP A 48 0.31 -15.96 -7.21
CA ASP A 48 1.60 -15.68 -6.59
C ASP A 48 1.57 -14.31 -5.92
N CYS A 49 0.50 -14.06 -5.18
CA CYS A 49 0.35 -12.79 -4.47
C CYS A 49 1.36 -12.65 -3.35
N ILE A 50 1.69 -11.40 -3.03
CA ILE A 50 2.55 -11.11 -1.89
C ILE A 50 1.72 -11.22 -0.63
N ILE A 51 2.14 -12.09 0.28
CA ILE A 51 1.46 -12.22 1.56
C ILE A 51 2.32 -11.67 2.69
N ASP A 52 1.97 -10.48 3.17
CA ASP A 52 2.62 -9.88 4.32
C ASP A 52 1.57 -9.40 5.32
N LYS A 53 2.00 -8.72 6.37
CA LYS A 53 1.10 -8.29 7.44
C LYS A 53 -0.07 -7.45 6.92
N ILE A 54 0.21 -6.59 5.94
CA ILE A 54 -0.79 -5.65 5.45
C ILE A 54 -1.70 -6.28 4.39
N ARG A 55 -1.17 -7.24 3.62
CA ARG A 55 -1.90 -7.76 2.47
C ARG A 55 -2.34 -9.22 2.58
N ARG A 56 -2.22 -9.82 3.76
CA ARG A 56 -2.56 -11.23 3.94
C ARG A 56 -4.08 -11.45 3.95
N LYS A 57 -4.83 -10.39 4.24
CA LYS A 57 -6.29 -10.45 4.19
C LYS A 57 -6.80 -10.44 2.74
N ASN A 58 -5.96 -9.94 1.83
CA ASN A 58 -6.38 -9.74 0.45
C ASN A 58 -6.67 -11.02 -0.32
N CYS A 59 -5.83 -12.04 -0.15
CA CYS A 59 -5.98 -13.25 -0.96
C CYS A 59 -5.85 -14.53 -0.13
N PRO A 60 -6.97 -15.01 0.42
CA PRO A 60 -7.02 -16.26 1.18
C PRO A 60 -6.52 -17.46 0.38
N ALA A 61 -6.75 -17.43 -0.93
CA ALA A 61 -6.29 -18.50 -1.82
C ALA A 61 -4.77 -18.66 -1.72
N CYS A 62 -4.04 -17.59 -1.95
CA CYS A 62 -2.58 -17.64 -1.88
C CYS A 62 -2.07 -17.83 -0.46
N ARG A 63 -2.81 -17.33 0.52
CA ARG A 63 -2.42 -17.48 1.91
C ARG A 63 -2.48 -18.95 2.32
N LEU A 64 -3.56 -19.62 1.93
CA LEU A 64 -3.75 -21.04 2.20
C LEU A 64 -2.72 -21.89 1.46
N ARG A 65 -2.49 -21.56 0.19
CA ARG A 65 -1.46 -22.21 -0.61
C ARG A 65 -0.08 -22.18 0.07
N LYS A 66 0.29 -21.01 0.60
CA LYS A 66 1.56 -20.90 1.32
C LYS A 66 1.56 -21.74 2.59
N CYS A 67 0.44 -21.78 3.30
CA CYS A 67 0.32 -22.64 4.48
C CYS A 67 0.54 -24.10 4.11
N LEU A 68 -0.07 -24.52 3.02
CA LEU A 68 0.05 -25.92 2.59
C LEU A 68 1.46 -26.25 2.10
N GLN A 69 2.05 -25.35 1.30
CA GLN A 69 3.39 -25.60 0.77
C GLN A 69 4.46 -25.55 1.85
N ALA A 70 4.17 -24.88 2.96
CA ALA A 70 5.09 -24.83 4.09
C ALA A 70 4.95 -26.07 4.97
N GLY A 71 3.92 -26.87 4.70
CA GLY A 71 3.76 -28.15 5.37
C GLY A 71 2.84 -28.16 6.58
N MET A 72 1.95 -27.17 6.67
CA MET A 72 1.02 -27.13 7.80
C MET A 72 -0.02 -28.26 7.71
N THR A 73 -0.36 -28.81 8.87
CA THR A 73 -1.25 -29.96 8.96
C THR A 73 -2.00 -29.92 10.29
N LEU A 74 -3.27 -30.32 10.29
CA LEU A 74 -4.03 -30.39 11.53
C LEU A 74 -3.74 -31.65 12.33
N GLY A 75 -3.00 -32.57 11.71
CA GLY A 75 -2.64 -33.82 12.38
C GLY A 75 -2.41 -34.95 11.39
N LYS B 5 -27.93 -2.01 -16.39
CA LYS B 5 -28.13 -3.45 -16.30
C LYS B 5 -26.97 -4.13 -15.57
N VAL B 6 -25.75 -3.82 -15.99
CA VAL B 6 -24.57 -4.44 -15.38
C VAL B 6 -23.57 -3.41 -14.84
N CYS B 7 -23.04 -3.68 -13.65
CA CYS B 7 -22.03 -2.85 -13.03
C CYS B 7 -20.78 -2.79 -13.90
N LEU B 8 -20.29 -1.57 -14.15
CA LEU B 8 -19.09 -1.40 -14.95
C LEU B 8 -17.83 -1.72 -14.14
N ILE B 9 -17.98 -1.90 -12.85
CA ILE B 9 -16.84 -2.16 -11.99
C ILE B 9 -16.61 -3.66 -11.80
N CYS B 10 -17.64 -4.40 -11.38
CA CYS B 10 -17.46 -5.82 -11.07
C CYS B 10 -18.31 -6.74 -11.96
N GLY B 11 -19.13 -6.16 -12.83
CA GLY B 11 -19.93 -6.95 -13.75
C GLY B 11 -21.19 -7.54 -13.14
N ASP B 12 -21.38 -7.27 -11.85
CA ASP B 12 -22.59 -7.72 -11.17
C ASP B 12 -23.79 -6.91 -11.70
N GLU B 13 -25.01 -7.35 -11.38
CA GLU B 13 -26.20 -6.59 -11.71
C GLU B 13 -26.23 -5.21 -11.05
N ALA B 14 -26.35 -4.18 -11.88
CA ALA B 14 -26.34 -2.81 -11.40
C ALA B 14 -27.73 -2.36 -10.96
N SER B 15 -27.76 -1.41 -10.03
CA SER B 15 -29.03 -0.91 -9.49
C SER B 15 -29.34 0.49 -9.98
N GLY B 16 -28.39 1.11 -10.68
CA GLY B 16 -28.58 2.43 -11.23
C GLY B 16 -27.27 3.18 -11.44
N CYS B 17 -27.38 4.44 -11.83
CA CYS B 17 -26.21 5.28 -12.03
C CYS B 17 -25.79 5.93 -10.73
N HIS B 18 -24.61 5.58 -10.23
CA HIS B 18 -24.13 6.10 -8.96
C HIS B 18 -22.80 6.82 -9.11
N TYR B 19 -22.75 8.06 -8.64
CA TYR B 19 -21.54 8.86 -8.65
C TYR B 19 -20.98 9.00 -10.06
N GLY B 20 -21.86 8.93 -11.05
CA GLY B 20 -21.50 9.13 -12.45
C GLY B 20 -21.47 7.88 -13.30
N VAL B 21 -21.50 6.72 -12.66
CA VAL B 21 -21.28 5.45 -13.37
C VAL B 21 -22.33 4.41 -13.00
N LEU B 22 -22.70 3.57 -13.96
CA LEU B 22 -23.60 2.45 -13.73
C LEU B 22 -22.93 1.39 -12.83
N THR B 23 -23.37 1.29 -11.58
CA THR B 23 -22.74 0.39 -10.61
C THR B 23 -23.75 -0.38 -9.77
N CYS B 24 -23.28 -1.42 -9.09
CA CYS B 24 -24.09 -2.16 -8.14
C CYS B 24 -24.10 -1.45 -6.79
N GLU B 25 -24.86 -1.98 -5.84
CA GLU B 25 -24.93 -1.41 -4.50
C GLU B 25 -23.58 -1.51 -3.77
N GLY B 26 -22.88 -2.61 -4.00
CA GLY B 26 -21.59 -2.83 -3.36
C GLY B 26 -20.56 -1.79 -3.77
N CYS B 27 -20.38 -1.63 -5.08
CA CYS B 27 -19.36 -0.73 -5.58
C CYS B 27 -19.72 0.74 -5.31
N LYS B 28 -21.02 1.03 -5.25
CA LYS B 28 -21.50 2.33 -4.78
C LYS B 28 -20.99 2.66 -3.39
N ALA B 29 -21.36 1.80 -2.44
CA ALA B 29 -20.99 1.97 -1.04
C ALA B 29 -19.47 1.93 -0.85
N PHE B 30 -18.81 1.04 -1.58
CA PHE B 30 -17.36 0.91 -1.50
C PHE B 30 -16.65 2.20 -1.88
N PHE B 31 -17.05 2.81 -2.99
CA PHE B 31 -16.34 3.98 -3.50
C PHE B 31 -16.42 5.16 -2.55
N LYS B 32 -17.60 5.39 -1.98
CA LYS B 32 -17.79 6.47 -1.03
C LYS B 32 -16.88 6.29 0.19
N ARG B 33 -16.83 5.07 0.72
CA ARG B 33 -15.96 4.78 1.85
C ARG B 33 -14.48 4.86 1.48
N ALA B 34 -14.15 4.50 0.25
CA ALA B 34 -12.75 4.50 -0.18
C ALA B 34 -12.18 5.92 -0.28
N VAL B 35 -12.98 6.87 -0.73
CA VAL B 35 -12.46 8.22 -0.95
C VAL B 35 -12.58 9.12 0.29
N GLU B 36 -13.54 8.84 1.16
CA GLU B 36 -13.73 9.67 2.35
C GLU B 36 -12.87 9.21 3.53
N GLY B 37 -13.02 7.94 3.90
CA GLY B 37 -12.28 7.40 5.02
C GLY B 37 -10.80 7.22 4.72
N GLN B 38 -10.02 6.92 5.75
CA GLN B 38 -8.60 6.67 5.57
C GLN B 38 -8.33 5.18 5.44
N HIS B 39 -7.86 4.77 4.28
CA HIS B 39 -7.61 3.35 4.01
C HIS B 39 -6.19 3.11 3.52
N ASN B 40 -5.58 2.05 4.03
CA ASN B 40 -4.27 1.65 3.57
C ASN B 40 -4.38 0.50 2.58
N TYR B 41 -5.12 0.75 1.49
CA TYR B 41 -5.29 -0.24 0.44
C TYR B 41 -3.98 -0.49 -0.28
N LEU B 42 -3.67 -1.76 -0.53
CA LEU B 42 -2.39 -2.10 -1.11
C LEU B 42 -2.52 -3.40 -1.92
N CYS B 43 -2.15 -3.37 -3.19
CA CYS B 43 -2.30 -4.55 -4.06
C CYS B 43 -1.24 -5.61 -3.78
N ALA B 44 -1.68 -6.86 -3.66
CA ALA B 44 -0.77 -7.98 -3.43
C ALA B 44 -0.35 -8.61 -4.74
N GLY B 45 -1.03 -8.21 -5.82
CA GLY B 45 -0.71 -8.71 -7.14
C GLY B 45 0.11 -7.71 -7.94
N ARG B 46 -0.30 -7.47 -9.18
CA ARG B 46 0.42 -6.57 -10.06
C ARG B 46 -0.44 -5.40 -10.52
N ASN B 47 -1.32 -4.95 -9.64
CA ASN B 47 -2.22 -3.83 -9.91
C ASN B 47 -3.08 -4.03 -11.16
N ASP B 48 -3.40 -5.29 -11.46
CA ASP B 48 -4.34 -5.60 -12.54
C ASP B 48 -5.21 -6.78 -12.14
N CYS B 49 -5.63 -6.79 -10.87
CA CYS B 49 -6.44 -7.89 -10.35
C CYS B 49 -7.82 -7.92 -10.98
N ILE B 50 -8.32 -9.14 -11.21
CA ILE B 50 -9.66 -9.33 -11.75
C ILE B 50 -10.70 -8.91 -10.72
N ILE B 51 -11.50 -7.90 -11.06
CA ILE B 51 -12.57 -7.44 -10.18
C ILE B 51 -13.92 -7.92 -10.70
N ASP B 52 -14.40 -9.03 -10.15
CA ASP B 52 -15.76 -9.51 -10.44
C ASP B 52 -16.48 -9.78 -9.13
N LYS B 53 -17.74 -10.20 -9.20
CA LYS B 53 -18.57 -10.38 -8.01
C LYS B 53 -17.92 -11.30 -6.97
N ILE B 54 -17.32 -12.38 -7.45
CA ILE B 54 -16.72 -13.39 -6.58
C ILE B 54 -15.44 -12.87 -5.89
N ARG B 55 -14.74 -11.94 -6.54
CA ARG B 55 -13.42 -11.54 -6.10
C ARG B 55 -13.24 -10.04 -5.83
N ARG B 56 -14.32 -9.28 -5.83
CA ARG B 56 -14.23 -7.83 -5.66
C ARG B 56 -13.75 -7.45 -4.25
N LYS B 57 -14.01 -8.31 -3.27
CA LYS B 57 -13.53 -8.07 -1.91
C LYS B 57 -12.02 -8.32 -1.78
N ASN B 58 -11.42 -9.02 -2.73
CA ASN B 58 -10.02 -9.42 -2.61
C ASN B 58 -9.05 -8.26 -2.69
N CYS B 59 -9.26 -7.34 -3.63
CA CYS B 59 -8.30 -6.25 -3.79
C CYS B 59 -9.00 -4.91 -3.90
N PRO B 60 -9.24 -4.26 -2.75
CA PRO B 60 -9.81 -2.91 -2.69
C PRO B 60 -9.01 -1.92 -3.54
N ALA B 61 -7.69 -2.08 -3.57
CA ALA B 61 -6.82 -1.18 -4.33
C ALA B 61 -7.16 -1.18 -5.82
N CYS B 62 -7.28 -2.37 -6.40
CA CYS B 62 -7.67 -2.47 -7.81
C CYS B 62 -9.13 -2.11 -8.04
N ARG B 63 -9.97 -2.36 -7.04
CA ARG B 63 -11.38 -2.03 -7.16
C ARG B 63 -11.55 -0.51 -7.22
N LEU B 64 -10.83 0.19 -6.33
CA LEU B 64 -10.82 1.64 -6.32
C LEU B 64 -10.26 2.19 -7.63
N ARG B 65 -9.16 1.58 -8.09
CA ARG B 65 -8.57 1.96 -9.38
C ARG B 65 -9.56 1.89 -10.54
N LYS B 66 -10.35 0.82 -10.62
CA LYS B 66 -11.32 0.72 -11.71
C LYS B 66 -12.45 1.74 -11.59
N CYS B 67 -12.83 2.07 -10.35
CA CYS B 67 -13.81 3.13 -10.11
C CYS B 67 -13.33 4.47 -10.67
N LEU B 68 -12.07 4.78 -10.44
CA LEU B 68 -11.50 6.04 -10.90
C LEU B 68 -11.31 6.06 -12.41
N GLN B 69 -10.91 4.93 -12.98
CA GLN B 69 -10.74 4.82 -14.43
C GLN B 69 -12.08 4.94 -15.14
N ALA B 70 -13.15 4.54 -14.46
CA ALA B 70 -14.49 4.62 -15.02
C ALA B 70 -15.06 6.03 -14.90
N GLY B 71 -14.44 6.84 -14.04
CA GLY B 71 -14.85 8.23 -13.89
C GLY B 71 -15.75 8.53 -12.71
N MET B 72 -15.75 7.66 -11.70
CA MET B 72 -16.57 7.91 -10.51
C MET B 72 -15.99 9.05 -9.67
N THR B 73 -16.87 9.88 -9.13
CA THR B 73 -16.47 10.99 -8.29
C THR B 73 -17.61 11.43 -7.37
N LEU B 74 -17.28 11.94 -6.19
CA LEU B 74 -18.29 12.47 -5.29
C LEU B 74 -18.55 13.94 -5.59
N GLY B 75 -17.55 14.61 -6.17
CA GLY B 75 -17.64 16.02 -6.47
C GLY B 75 -16.49 16.81 -5.88
N GLN C 4 17.57 -16.08 8.43
CA GLN C 4 17.72 -14.79 7.75
C GLN C 4 18.01 -13.67 8.74
N LYS C 5 19.04 -12.88 8.47
CA LYS C 5 19.34 -11.74 9.31
C LYS C 5 18.48 -10.56 8.86
N VAL C 6 18.25 -9.60 9.76
CA VAL C 6 17.30 -8.54 9.48
C VAL C 6 17.93 -7.15 9.61
N CYS C 7 17.69 -6.30 8.61
CA CYS C 7 18.13 -4.91 8.64
C CYS C 7 17.57 -4.19 9.86
N LEU C 8 18.46 -3.58 10.65
CA LEU C 8 18.03 -2.89 11.86
C LEU C 8 17.44 -1.51 11.56
N ILE C 9 17.41 -1.16 10.28
CA ILE C 9 16.88 0.13 9.87
C ILE C 9 15.47 0.00 9.27
N CYS C 10 15.29 -0.90 8.31
CA CYS C 10 13.98 -1.03 7.67
C CYS C 10 13.35 -2.41 7.87
N GLY C 11 14.09 -3.34 8.44
CA GLY C 11 13.56 -4.67 8.71
C GLY C 11 13.56 -5.61 7.52
N ASP C 12 14.20 -5.18 6.42
CA ASP C 12 14.31 -6.00 5.23
C ASP C 12 15.41 -7.04 5.43
N GLU C 13 15.70 -7.82 4.40
CA GLU C 13 16.70 -8.87 4.46
C GLU C 13 18.07 -8.19 4.57
N ALA C 14 18.83 -8.49 5.61
CA ALA C 14 20.16 -7.91 5.76
C ALA C 14 21.20 -8.81 5.09
N SER C 15 22.05 -8.20 4.26
CA SER C 15 23.08 -8.93 3.53
C SER C 15 24.32 -9.13 4.38
N GLY C 16 24.50 -8.26 5.37
CA GLY C 16 25.65 -8.30 6.26
C GLY C 16 25.77 -7.02 7.05
N CYS C 17 26.89 -6.84 7.74
CA CYS C 17 27.11 -5.64 8.53
C CYS C 17 27.76 -4.55 7.68
N HIS C 18 27.07 -3.42 7.53
CA HIS C 18 27.59 -2.31 6.75
C HIS C 18 27.73 -1.05 7.61
N TYR C 19 28.92 -0.44 7.56
CA TYR C 19 29.18 0.81 8.25
C TYR C 19 28.94 0.72 9.76
N GLY C 20 29.07 -0.49 10.30
CA GLY C 20 28.99 -0.70 11.73
C GLY C 20 27.68 -1.30 12.21
N VAL C 21 26.70 -1.38 11.32
CA VAL C 21 25.37 -1.86 11.67
C VAL C 21 24.88 -2.88 10.65
N LEU C 22 24.11 -3.86 11.12
CA LEU C 22 23.51 -4.86 10.25
C LEU C 22 22.41 -4.23 9.39
N THR C 23 22.69 -4.06 8.10
CA THR C 23 21.75 -3.39 7.19
C THR C 23 21.58 -4.11 5.86
N CYS C 24 20.54 -3.73 5.12
CA CYS C 24 20.31 -4.25 3.78
C CYS C 24 21.15 -3.49 2.76
N GLU C 25 21.05 -3.87 1.50
CA GLU C 25 21.77 -3.19 0.43
C GLU C 25 21.21 -1.79 0.19
N GLY C 26 19.89 -1.64 0.36
CA GLY C 26 19.24 -0.36 0.19
C GLY C 26 19.72 0.66 1.21
N CYS C 27 19.70 0.29 2.48
CA CYS C 27 20.10 1.21 3.53
C CYS C 27 21.61 1.44 3.53
N LYS C 28 22.35 0.45 3.04
CA LYS C 28 23.79 0.62 2.80
C LYS C 28 24.06 1.77 1.85
N ALA C 29 23.54 1.65 0.63
CA ALA C 29 23.71 2.64 -0.41
C ALA C 29 23.15 4.00 -0.01
N PHE C 30 21.97 4.01 0.61
CA PHE C 30 21.34 5.25 1.05
C PHE C 30 22.24 6.04 2.01
N PHE C 31 22.76 5.36 3.02
CA PHE C 31 23.54 6.03 4.05
C PHE C 31 24.80 6.65 3.48
N LYS C 32 25.42 5.95 2.53
CA LYS C 32 26.61 6.45 1.84
C LYS C 32 26.32 7.78 1.16
N ARG C 33 25.27 7.81 0.36
CA ARG C 33 24.88 9.00 -0.38
C ARG C 33 24.38 10.13 0.52
N ALA C 34 23.71 9.75 1.60
CA ALA C 34 23.10 10.73 2.50
C ALA C 34 24.13 11.51 3.33
N VAL C 35 25.29 10.90 3.55
CA VAL C 35 26.32 11.54 4.36
C VAL C 35 27.27 12.40 3.52
N GLU C 36 27.77 11.83 2.42
CA GLU C 36 28.68 12.56 1.55
C GLU C 36 27.97 13.68 0.78
N GLY C 37 27.01 13.30 -0.07
CA GLY C 37 26.23 14.28 -0.82
C GLY C 37 25.49 15.18 0.16
N GLN C 38 25.11 16.37 -0.30
CA GLN C 38 24.51 17.35 0.62
C GLN C 38 23.05 17.65 0.29
N HIS C 39 22.21 17.54 1.31
CA HIS C 39 20.76 17.49 1.15
C HIS C 39 20.10 18.23 2.28
N ASN C 40 19.10 19.05 1.95
CA ASN C 40 18.16 19.53 2.97
C ASN C 40 16.95 18.61 3.08
N TYR C 41 17.12 17.52 3.80
CA TYR C 41 16.01 16.59 4.03
C TYR C 41 14.95 17.22 4.91
N LEU C 42 13.71 17.12 4.46
CA LEU C 42 12.59 17.66 5.22
C LEU C 42 11.51 16.61 5.38
N CYS C 43 11.24 16.24 6.64
CA CYS C 43 10.15 15.33 6.95
C CYS C 43 8.81 16.01 6.65
N ALA C 44 7.90 15.27 6.02
CA ALA C 44 6.57 15.79 5.72
C ALA C 44 5.61 15.57 6.90
N GLY C 45 6.12 14.96 7.97
CA GLY C 45 5.34 14.70 9.15
C GLY C 45 5.87 15.43 10.37
N ARG C 46 6.39 14.66 11.33
CA ARG C 46 6.86 15.26 12.57
C ARG C 46 8.13 14.55 13.08
N ASN C 47 8.99 14.19 12.15
CA ASN C 47 10.28 13.53 12.44
C ASN C 47 10.18 12.21 13.17
N ASP C 48 9.14 11.44 12.89
CA ASP C 48 8.99 10.11 13.49
C ASP C 48 8.29 9.14 12.55
N CYS C 49 8.64 9.20 11.27
CA CYS C 49 8.02 8.34 10.29
C CYS C 49 8.42 6.88 10.51
N ILE C 50 7.54 5.96 10.13
CA ILE C 50 7.83 4.54 10.23
C ILE C 50 8.68 4.10 9.05
N ILE C 51 9.87 3.58 9.33
CA ILE C 51 10.77 3.14 8.28
C ILE C 51 10.74 1.61 8.15
N ASP C 52 10.07 1.12 7.12
CA ASP C 52 10.11 -0.30 6.81
C ASP C 52 10.38 -0.51 5.32
N LYS C 53 10.27 -1.75 4.85
CA LYS C 53 10.64 -2.07 3.47
C LYS C 53 9.78 -1.32 2.45
N ILE C 54 8.50 -1.19 2.75
CA ILE C 54 7.57 -0.53 1.85
C ILE C 54 7.73 0.99 1.85
N ARG C 55 8.05 1.54 3.02
CA ARG C 55 7.99 2.99 3.22
C ARG C 55 9.33 3.68 3.45
N ARG C 56 10.43 2.97 3.20
CA ARG C 56 11.75 3.52 3.47
C ARG C 56 12.13 4.63 2.49
N LYS C 57 11.57 4.60 1.29
CA LYS C 57 11.85 5.62 0.29
C LYS C 57 11.09 6.93 0.56
N ASN C 58 10.06 6.85 1.40
CA ASN C 58 9.19 7.99 1.63
C ASN C 58 9.90 9.16 2.29
N CYS C 59 10.62 8.88 3.37
CA CYS C 59 11.20 9.96 4.15
C CYS C 59 12.68 9.74 4.45
N PRO C 60 13.55 10.24 3.56
CA PRO C 60 15.01 10.20 3.73
C PRO C 60 15.45 10.81 5.07
N ALA C 61 14.75 11.85 5.51
CA ALA C 61 15.07 12.51 6.77
C ALA C 61 15.01 11.54 7.95
N CYS C 62 13.91 10.81 8.07
CA CYS C 62 13.75 9.86 9.16
C CYS C 62 14.57 8.59 8.94
N ARG C 63 14.83 8.27 7.68
CA ARG C 63 15.64 7.09 7.36
C ARG C 63 17.08 7.34 7.77
N LEU C 64 17.57 8.54 7.51
CA LEU C 64 18.93 8.91 7.91
C LEU C 64 19.05 9.07 9.41
N ARG C 65 18.02 9.65 10.02
CA ARG C 65 17.98 9.80 11.47
C ARG C 65 18.08 8.45 12.18
N LYS C 66 17.42 7.44 11.62
CA LYS C 66 17.39 6.13 12.24
C LYS C 66 18.73 5.41 12.03
N CYS C 67 19.39 5.68 10.90
CA CYS C 67 20.73 5.17 10.66
C CYS C 67 21.73 5.69 11.69
N LEU C 68 21.70 6.99 11.92
CA LEU C 68 22.64 7.63 12.84
C LEU C 68 22.43 7.18 14.28
N GLN C 69 21.16 7.08 14.68
CA GLN C 69 20.81 6.57 16.00
C GLN C 69 21.28 5.13 16.19
N ALA C 70 21.30 4.36 15.10
CA ALA C 70 21.72 2.97 15.16
C ALA C 70 23.24 2.88 15.29
N GLY C 71 23.93 3.95 14.93
CA GLY C 71 25.37 4.04 15.11
C GLY C 71 26.19 3.93 13.84
N MET C 72 25.53 4.05 12.70
CA MET C 72 26.24 3.95 11.42
C MET C 72 27.20 5.13 11.25
N THR C 73 28.40 4.83 10.78
CA THR C 73 29.43 5.83 10.57
C THR C 73 30.33 5.48 9.38
N LEU C 74 30.91 6.50 8.75
CA LEU C 74 31.84 6.28 7.66
C LEU C 74 33.29 6.35 8.15
N GLN D 4 -1.07 33.41 -9.47
CA GLN D 4 -2.25 33.97 -8.84
C GLN D 4 -3.31 32.87 -8.64
N LYS D 5 -3.25 31.84 -9.47
CA LYS D 5 -4.10 30.66 -9.30
C LYS D 5 -3.35 29.61 -8.48
N VAL D 6 -4.05 28.98 -7.53
CA VAL D 6 -3.40 28.13 -6.53
C VAL D 6 -3.88 26.67 -6.57
N CYS D 7 -2.94 25.75 -6.68
CA CYS D 7 -3.23 24.31 -6.65
C CYS D 7 -3.92 23.92 -5.34
N LEU D 8 -5.08 23.30 -5.45
CA LEU D 8 -5.84 22.90 -4.27
C LEU D 8 -5.24 21.67 -3.59
N ILE D 9 -4.21 21.09 -4.21
CA ILE D 9 -3.57 19.92 -3.65
C ILE D 9 -2.31 20.28 -2.85
N CYS D 10 -1.42 21.08 -3.44
CA CYS D 10 -0.14 21.35 -2.79
C CYS D 10 0.12 22.83 -2.55
N GLY D 11 -0.75 23.69 -3.06
CA GLY D 11 -0.61 25.12 -2.84
C GLY D 11 0.38 25.80 -3.78
N ASP D 12 0.95 25.04 -4.72
CA ASP D 12 1.81 25.60 -5.76
C ASP D 12 0.94 26.36 -6.76
N GLU D 13 1.58 27.14 -7.63
CA GLU D 13 0.87 27.85 -8.68
C GLU D 13 0.18 26.89 -9.65
N ALA D 14 -1.14 27.02 -9.76
CA ALA D 14 -1.93 26.16 -10.63
C ALA D 14 -1.84 26.62 -12.08
N SER D 15 -1.70 25.65 -12.98
CA SER D 15 -1.60 25.96 -14.40
C SER D 15 -2.99 26.11 -15.02
N GLY D 16 -3.96 25.42 -14.43
CA GLY D 16 -5.32 25.44 -14.92
C GLY D 16 -6.17 24.43 -14.17
N CYS D 17 -7.32 24.10 -14.74
CA CYS D 17 -8.20 23.12 -14.12
C CYS D 17 -7.97 21.76 -14.77
N HIS D 18 -7.57 20.77 -13.96
CA HIS D 18 -7.23 19.45 -14.49
C HIS D 18 -8.00 18.35 -13.77
N TYR D 19 -8.65 17.49 -14.55
CA TYR D 19 -9.43 16.38 -14.02
C TYR D 19 -10.49 16.85 -13.03
N GLY D 20 -11.01 18.06 -13.26
CA GLY D 20 -12.08 18.60 -12.47
C GLY D 20 -11.67 19.60 -11.41
N VAL D 21 -10.39 19.60 -11.07
CA VAL D 21 -9.89 20.43 -9.97
C VAL D 21 -8.71 21.31 -10.39
N LEU D 22 -8.69 22.54 -9.87
CA LEU D 22 -7.59 23.47 -10.12
C LEU D 22 -6.30 22.92 -9.51
N THR D 23 -5.33 22.59 -10.36
CA THR D 23 -4.09 21.95 -9.90
C THR D 23 -2.87 22.44 -10.65
N CYS D 24 -1.70 22.29 -10.03
CA CYS D 24 -0.43 22.59 -10.71
C CYS D 24 -0.13 21.49 -11.72
N GLU D 25 0.97 21.67 -12.44
CA GLU D 25 1.33 20.76 -13.52
C GLU D 25 1.83 19.43 -12.92
N GLY D 26 2.39 19.49 -11.72
CA GLY D 26 2.90 18.31 -11.06
C GLY D 26 1.80 17.39 -10.58
N CYS D 27 0.79 17.97 -9.92
CA CYS D 27 -0.29 17.17 -9.37
C CYS D 27 -1.19 16.63 -10.48
N LYS D 28 -1.25 17.33 -11.61
CA LYS D 28 -1.94 16.81 -12.78
C LYS D 28 -1.34 15.49 -13.25
N ALA D 29 -0.03 15.51 -13.52
CA ALA D 29 0.66 14.32 -14.01
C ALA D 29 0.69 13.23 -12.95
N PHE D 30 0.83 13.63 -11.69
CA PHE D 30 0.84 12.66 -10.60
C PHE D 30 -0.45 11.85 -10.52
N PHE D 31 -1.58 12.55 -10.60
CA PHE D 31 -2.87 11.90 -10.40
C PHE D 31 -3.15 10.87 -11.49
N LYS D 32 -2.80 11.21 -12.73
CA LYS D 32 -2.99 10.30 -13.86
C LYS D 32 -2.14 9.05 -13.68
N ARG D 33 -0.90 9.23 -13.24
CA ARG D 33 -0.02 8.10 -13.00
C ARG D 33 -0.44 7.27 -11.79
N ALA D 34 -0.95 7.94 -10.76
CA ALA D 34 -1.31 7.27 -9.52
C ALA D 34 -2.44 6.26 -9.74
N VAL D 35 -3.42 6.64 -10.55
CA VAL D 35 -4.56 5.81 -10.84
C VAL D 35 -4.19 4.62 -11.71
N GLU D 36 -3.50 4.90 -12.81
CA GLU D 36 -3.27 3.91 -13.85
C GLU D 36 -2.11 2.96 -13.57
N GLY D 37 -1.01 3.49 -13.06
CA GLY D 37 0.20 2.70 -12.91
C GLY D 37 0.26 1.77 -11.71
N GLN D 38 1.38 1.05 -11.60
CA GLN D 38 1.60 0.08 -10.53
C GLN D 38 2.43 0.78 -9.45
N HIS D 39 1.84 1.05 -8.29
CA HIS D 39 2.53 1.91 -7.33
C HIS D 39 2.71 1.33 -5.93
N ASN D 40 1.60 1.00 -5.27
CA ASN D 40 1.61 0.58 -3.87
C ASN D 40 2.11 1.71 -2.95
N TYR D 41 1.31 2.76 -2.84
CA TYR D 41 1.62 3.89 -1.95
C TYR D 41 1.20 3.59 -0.52
N LEU D 42 2.00 4.02 0.44
CA LEU D 42 1.65 3.82 1.84
C LEU D 42 2.27 4.89 2.74
N CYS D 43 1.43 5.54 3.55
CA CYS D 43 1.89 6.63 4.41
C CYS D 43 2.74 6.13 5.56
N ALA D 44 3.85 6.83 5.83
CA ALA D 44 4.76 6.45 6.90
C ALA D 44 4.51 7.27 8.16
N GLY D 45 3.59 8.22 8.07
CA GLY D 45 3.23 9.03 9.21
C GLY D 45 1.84 8.69 9.74
N ARG D 46 1.01 9.72 9.86
CA ARG D 46 -0.34 9.57 10.43
C ARG D 46 -1.43 9.96 9.44
N ASN D 47 -1.19 9.69 8.15
CA ASN D 47 -2.15 10.03 7.09
C ASN D 47 -2.54 11.51 7.08
N ASP D 48 -1.61 12.38 7.48
CA ASP D 48 -1.85 13.81 7.46
C ASP D 48 -0.58 14.59 7.15
N CYS D 49 0.22 14.05 6.24
CA CYS D 49 1.48 14.70 5.84
C CYS D 49 1.24 16.05 5.17
N ILE D 50 2.13 17.00 5.42
CA ILE D 50 2.08 18.28 4.72
C ILE D 50 2.42 18.06 3.26
N ILE D 51 1.49 18.38 2.38
CA ILE D 51 1.71 18.25 0.95
C ILE D 51 1.88 19.63 0.32
N ASP D 52 3.13 20.01 0.05
CA ASP D 52 3.37 21.29 -0.64
C ASP D 52 4.51 21.18 -1.67
N LYS D 53 4.97 22.32 -2.19
CA LYS D 53 5.94 22.36 -3.32
C LYS D 53 7.22 21.58 -2.99
N ILE D 54 7.55 21.49 -1.71
CA ILE D 54 8.82 20.90 -1.31
C ILE D 54 8.68 19.62 -0.50
N ARG D 55 7.47 19.10 -0.35
CA ARG D 55 7.25 17.88 0.42
C ARG D 55 6.39 16.86 -0.33
N ARG D 56 5.76 17.28 -1.42
CA ARG D 56 4.77 16.47 -2.13
C ARG D 56 5.37 15.17 -2.68
N LYS D 57 6.68 15.16 -2.90
CA LYS D 57 7.36 13.95 -3.35
C LYS D 57 7.43 12.90 -2.25
N ASN D 58 7.45 13.35 -0.99
CA ASN D 58 7.69 12.45 0.14
C ASN D 58 6.58 11.45 0.42
N CYS D 59 5.32 11.86 0.26
CA CYS D 59 4.22 10.94 0.57
C CYS D 59 3.12 11.00 -0.49
N PRO D 60 3.27 10.20 -1.55
CA PRO D 60 2.27 10.09 -2.62
C PRO D 60 0.92 9.55 -2.11
N ALA D 61 0.93 8.80 -1.02
CA ALA D 61 -0.31 8.31 -0.41
C ALA D 61 -1.19 9.47 0.02
N CYS D 62 -0.63 10.38 0.83
CA CYS D 62 -1.38 11.56 1.25
C CYS D 62 -1.68 12.49 0.08
N ARG D 63 -0.78 12.50 -0.91
CA ARG D 63 -0.98 13.34 -2.09
C ARG D 63 -2.17 12.85 -2.90
N LEU D 64 -2.22 11.53 -3.12
CA LEU D 64 -3.33 10.90 -3.82
C LEU D 64 -4.64 11.06 -3.04
N ARG D 65 -4.57 10.86 -1.73
CA ARG D 65 -5.72 11.07 -0.86
C ARG D 65 -6.32 12.46 -1.02
N LYS D 66 -5.47 13.48 -1.01
CA LYS D 66 -5.95 14.85 -1.20
C LYS D 66 -6.58 15.05 -2.57
N CYS D 67 -6.01 14.40 -3.59
CA CYS D 67 -6.59 14.46 -4.94
C CYS D 67 -8.00 13.89 -4.95
N LEU D 68 -8.18 12.72 -4.35
CA LEU D 68 -9.46 12.04 -4.34
C LEU D 68 -10.49 12.80 -3.51
N GLN D 69 -10.05 13.33 -2.38
CA GLN D 69 -10.95 14.09 -1.51
C GLN D 69 -11.28 15.45 -2.12
N ALA D 70 -10.50 15.86 -3.11
CA ALA D 70 -10.76 17.10 -3.83
C ALA D 70 -11.74 16.86 -4.97
N GLY D 71 -11.95 15.59 -5.32
CA GLY D 71 -12.91 15.23 -6.33
C GLY D 71 -12.32 14.99 -7.71
N MET D 72 -11.00 14.82 -7.77
CA MET D 72 -10.35 14.56 -9.05
C MET D 72 -10.73 13.18 -9.57
N THR D 73 -11.05 13.10 -10.86
CA THR D 73 -11.33 11.82 -11.47
C THR D 73 -11.02 11.87 -12.97
N LEU D 74 -10.90 10.69 -13.58
CA LEU D 74 -10.63 10.61 -15.01
C LEU D 74 -11.93 10.56 -15.80
ZN ZN I . -3.63 -14.58 -4.95
ZN ZN J . 1.55 -15.08 9.53
ZN ZN K . -20.07 -3.66 -8.75
ZN ZN L . -4.88 -5.81 -7.00
ZN ZN M . 9.69 11.63 8.35
ZN ZN N . 17.18 -1.59 5.33
ZN ZN O . 1.49 10.66 4.47
ZN ZN P . -0.01 20.78 -6.85
#